data_8OG0
#
_entry.id   8OG0
#
_cell.length_a   37.484
_cell.length_b   66.700
_cell.length_c   167.167
_cell.angle_alpha   90.00
_cell.angle_beta   90.00
_cell.angle_gamma   90.00
#
_symmetry.space_group_name_H-M   'P 21 21 21'
#
loop_
_entity.id
_entity.type
_entity.pdbx_description
1 polymer 'Fab fragment light chain'
2 polymer 'Fab fragment heavy chain'
3 polymer Alpha-synuclein
4 water water
#
loop_
_entity_poly.entity_id
_entity_poly.type
_entity_poly.pdbx_seq_one_letter_code
_entity_poly.pdbx_strand_id
1 'polypeptide(L)'
;QVLTQTASSVSAAVGGTVTISCQSSQSVYKNNYLAWYQQKPGQPPNLLIYNASTLASGVSSRFRGSGSGTQFTLTISGVQ
CDDAATYYCQGGFPCRTADCNVFGGGTEVVVKGDPVAPTVLIFPPAADQVATGTVTIVCVANKYFPDVTVTWEVDGTTQT
TGIENSKTPQNSADCTYNLSSTLTLTSTQYNSHKEYTCKVTQGTTSVVQSFNRGDC
;
L
2 'polypeptide(L)'
;QEQLVESGGDLVKPGASLTLTCTASGFSFSSNYWMCWFRQAPGKGPEWIACIYAGNSGSTYYATWAKGRFTISKTSSTTV
TLQMTSLTAADTATYFCWRRGAYGYYGDLNLWGPGTLVTVSSGQPKAPSVFPLAPCCGDTPSSTVTLGCLVKGYLPEPVT
VTWNSGTLTNGVRTFPSVRQSSGLYSLSSVVSVTSSSQPEVTCNVAHPATNTKVDKTVAPST
;
H
3 'polypeptide(L)' YEPEA P
#
# COMPACT_ATOMS: atom_id res chain seq x y z
N GLN A 1 17.06 16.03 10.61
CA GLN A 1 16.07 16.13 11.71
C GLN A 1 15.25 14.84 11.85
N VAL A 2 14.59 14.64 13.00
CA VAL A 2 13.77 13.46 13.24
C VAL A 2 12.39 13.90 13.73
N LEU A 3 11.33 13.35 13.11
CA LEU A 3 9.94 13.63 13.46
C LEU A 3 9.29 12.36 14.00
N THR A 4 8.71 12.46 15.20
CA THR A 4 8.17 11.35 15.96
C THR A 4 6.68 11.53 16.18
N GLN A 5 5.86 10.56 15.77
CA GLN A 5 4.42 10.68 15.88
C GLN A 5 3.84 9.81 16.98
N THR A 6 2.60 10.20 17.39
CA THR A 6 1.80 9.65 18.46
C THR A 6 2.33 8.30 18.92
N ALA A 7 2.09 7.37 18.01
CA ALA A 7 2.06 5.96 18.23
C ALA A 7 1.60 5.52 16.86
N SER A 8 1.51 4.19 16.69
CA SER A 8 1.33 3.56 15.40
C SER A 8 -0.13 3.58 14.99
N SER A 9 -1.02 3.68 16.00
CA SER A 9 -2.46 3.52 15.78
C SER A 9 -3.26 4.30 16.81
N VAL A 10 -4.44 4.77 16.40
CA VAL A 10 -5.46 5.35 17.27
C VAL A 10 -6.82 5.03 16.68
N SER A 11 -7.85 5.13 17.53
CA SER A 11 -9.18 4.66 17.21
C SER A 11 -10.23 5.63 17.73
N ALA A 12 -11.38 5.68 17.02
CA ALA A 12 -12.52 6.43 17.50
C ALA A 12 -13.76 5.99 16.74
N ALA A 13 -14.92 6.16 17.39
CA ALA A 13 -16.18 5.74 16.80
C ALA A 13 -16.59 6.78 15.77
N VAL A 14 -17.37 6.37 14.75
CA VAL A 14 -17.97 7.35 13.85
C VAL A 14 -18.50 8.50 14.72
N GLY A 15 -18.21 9.74 14.29
CA GLY A 15 -18.61 10.96 14.99
C GLY A 15 -17.62 11.46 16.05
N GLY A 16 -16.75 10.58 16.57
CA GLY A 16 -15.82 10.96 17.63
C GLY A 16 -14.62 11.78 17.13
N THR A 17 -13.60 11.90 18.00
CA THR A 17 -12.41 12.71 17.73
C THR A 17 -11.13 11.90 17.94
N VAL A 18 -10.19 12.09 17.00
N VAL A 18 -10.19 12.01 16.99
CA VAL A 18 -8.87 11.51 17.07
CA VAL A 18 -8.86 11.48 17.18
C VAL A 18 -7.85 12.65 17.21
C VAL A 18 -7.85 12.63 17.22
N THR A 19 -6.80 12.39 18.00
CA THR A 19 -5.68 13.28 18.20
C THR A 19 -4.43 12.53 17.77
N ILE A 20 -3.62 13.16 16.89
CA ILE A 20 -2.38 12.61 16.40
C ILE A 20 -1.29 13.64 16.69
N SER A 21 -0.23 13.22 17.39
N SER A 21 -0.23 13.21 17.38
CA SER A 21 0.82 14.13 17.80
CA SER A 21 0.82 14.11 17.82
C SER A 21 2.06 13.93 16.93
C SER A 21 2.05 13.94 16.93
N CYS A 22 2.82 15.03 16.76
CA CYS A 22 4.05 15.00 15.99
C CYS A 22 5.09 15.88 16.67
N GLN A 23 6.25 15.31 16.98
CA GLN A 23 7.32 16.09 17.58
C GLN A 23 8.49 16.12 16.62
N SER A 24 9.05 17.31 16.41
CA SER A 24 10.28 17.46 15.65
C SER A 24 11.50 17.62 16.58
N SER A 25 12.62 16.99 16.19
CA SER A 25 13.88 17.06 16.93
C SER A 25 14.45 18.49 16.97
N GLN A 26 14.10 19.31 15.98
CA GLN A 26 14.50 20.70 15.95
C GLN A 26 13.35 21.48 15.34
N SER A 27 13.28 22.78 15.66
CA SER A 27 12.25 23.65 15.13
C SER A 27 12.18 23.61 13.60
N VAL A 28 10.99 23.35 13.06
CA VAL A 28 10.73 23.47 11.63
C VAL A 28 10.92 24.92 11.19
N TYR A 29 11.04 25.09 9.88
CA TYR A 29 11.34 26.37 9.28
C TYR A 29 10.29 27.40 9.71
N LYS A 30 10.78 28.44 10.41
CA LYS A 30 9.96 29.57 10.84
C LYS A 30 8.81 29.11 11.72
N ASN A 31 8.99 27.94 12.36
CA ASN A 31 8.10 27.41 13.38
C ASN A 31 6.81 26.83 12.83
N ASN A 32 6.48 27.03 11.53
CA ASN A 32 5.22 26.53 11.01
C ASN A 32 5.35 25.76 9.69
N TYR A 33 6.57 25.46 9.20
CA TYR A 33 6.71 24.62 8.02
C TYR A 33 6.51 23.16 8.40
N LEU A 34 5.23 22.80 8.53
CA LEU A 34 4.79 21.47 8.98
C LEU A 34 3.51 21.14 8.22
N ALA A 35 3.49 19.98 7.54
CA ALA A 35 2.32 19.52 6.81
C ALA A 35 1.80 18.20 7.36
N TRP A 36 0.50 17.98 7.16
CA TRP A 36 -0.18 16.75 7.49
C TRP A 36 -0.67 16.11 6.20
N TYR A 37 -0.36 14.83 6.07
CA TYR A 37 -0.81 14.03 4.94
C TYR A 37 -1.65 12.84 5.40
N GLN A 38 -2.63 12.49 4.56
CA GLN A 38 -3.37 11.25 4.71
C GLN A 38 -2.84 10.30 3.63
N GLN A 39 -2.73 9.01 3.96
CA GLN A 39 -2.41 8.04 2.93
C GLN A 39 -3.22 6.75 3.12
N LYS A 40 -3.78 6.30 2.01
CA LYS A 40 -4.42 5.01 1.90
C LYS A 40 -3.56 4.12 0.99
N PRO A 41 -3.65 2.78 1.14
CA PRO A 41 -2.77 1.88 0.39
C PRO A 41 -2.81 2.13 -1.11
N GLY A 42 -1.62 2.13 -1.73
CA GLY A 42 -1.51 2.25 -3.18
C GLY A 42 -1.52 3.68 -3.71
N GLN A 43 -1.73 4.67 -2.84
N GLN A 43 -1.66 4.65 -2.80
CA GLN A 43 -1.81 6.05 -3.31
CA GLN A 43 -1.86 6.05 -3.16
C GLN A 43 -0.65 6.85 -2.73
C GLN A 43 -0.63 6.85 -2.70
N PRO A 44 -0.24 7.96 -3.38
CA PRO A 44 0.75 8.87 -2.82
C PRO A 44 0.18 9.61 -1.63
N PRO A 45 1.00 10.25 -0.76
CA PRO A 45 0.46 11.11 0.29
C PRO A 45 -0.47 12.17 -0.28
N ASN A 46 -1.57 12.38 0.44
CA ASN A 46 -2.59 13.36 0.09
C ASN A 46 -2.56 14.48 1.13
N LEU A 47 -2.19 15.69 0.69
CA LEU A 47 -2.00 16.81 1.60
C LEU A 47 -3.32 17.24 2.24
N LEU A 48 -3.35 17.33 3.58
CA LEU A 48 -4.50 17.82 4.33
C LEU A 48 -4.30 19.25 4.82
N ILE A 49 -3.14 19.48 5.46
CA ILE A 49 -2.82 20.73 6.11
C ILE A 49 -1.39 21.12 5.76
N TYR A 50 -1.12 22.40 5.58
CA TYR A 50 0.24 22.88 5.39
C TYR A 50 0.41 24.14 6.24
N ASN A 51 1.65 24.60 6.40
CA ASN A 51 1.91 25.75 7.23
C ASN A 51 1.32 25.52 8.63
N ALA A 52 1.39 24.26 9.11
CA ALA A 52 0.96 23.81 10.43
C ALA A 52 -0.57 23.76 10.60
N SER A 53 -1.32 24.75 10.11
CA SER A 53 -2.73 24.86 10.41
C SER A 53 -3.62 25.23 9.23
N THR A 54 -3.09 25.37 8.00
CA THR A 54 -3.90 25.81 6.89
C THR A 54 -4.45 24.59 6.17
N LEU A 55 -5.77 24.56 6.01
CA LEU A 55 -6.46 23.48 5.32
C LEU A 55 -6.15 23.55 3.82
N ALA A 56 -5.69 22.45 3.24
CA ALA A 56 -5.52 22.41 1.79
C ALA A 56 -6.90 22.47 1.13
N SER A 57 -6.87 22.86 -0.14
CA SER A 57 -8.05 23.11 -0.93
C SER A 57 -8.90 21.85 -1.03
N GLY A 58 -10.19 22.00 -0.72
CA GLY A 58 -11.13 20.91 -0.87
C GLY A 58 -11.11 19.95 0.31
N VAL A 59 -10.26 20.21 1.31
CA VAL A 59 -10.18 19.34 2.47
C VAL A 59 -11.22 19.81 3.48
N SER A 60 -11.74 18.84 4.22
CA SER A 60 -12.83 19.06 5.15
C SER A 60 -12.32 19.75 6.42
N SER A 61 -13.13 20.71 6.90
CA SER A 61 -12.81 21.54 8.05
C SER A 61 -12.80 20.77 9.37
N ARG A 62 -13.11 19.48 9.35
CA ARG A 62 -13.01 18.68 10.56
C ARG A 62 -11.60 18.13 10.74
N PHE A 63 -10.69 18.40 9.79
CA PHE A 63 -9.26 18.26 10.01
C PHE A 63 -8.70 19.57 10.57
N ARG A 64 -8.01 19.51 11.71
CA ARG A 64 -7.44 20.70 12.33
C ARG A 64 -5.97 20.46 12.70
N GLY A 65 -5.09 21.33 12.19
CA GLY A 65 -3.68 21.35 12.57
C GLY A 65 -3.39 22.45 13.59
N SER A 66 -2.60 22.09 14.61
CA SER A 66 -2.17 23.08 15.58
C SER A 66 -0.73 22.81 15.96
N GLY A 67 -0.16 23.78 16.68
CA GLY A 67 1.18 23.69 17.21
C GLY A 67 2.14 24.59 16.43
N SER A 68 3.36 24.63 16.95
CA SER A 68 4.38 25.55 16.51
C SER A 68 5.73 25.01 16.92
N GLY A 69 6.76 25.27 16.14
CA GLY A 69 8.14 25.03 16.55
C GLY A 69 8.52 23.56 16.40
N THR A 70 8.30 22.78 17.47
CA THR A 70 8.65 21.37 17.50
C THR A 70 7.47 20.48 17.86
N GLN A 71 6.34 21.05 18.27
CA GLN A 71 5.23 20.25 18.76
C GLN A 71 3.98 20.57 17.97
N PHE A 72 3.38 19.54 17.36
CA PHE A 72 2.21 19.72 16.50
C PHE A 72 1.15 18.66 16.76
N THR A 73 -0.09 19.04 16.46
CA THR A 73 -1.23 18.14 16.60
C THR A 73 -2.07 18.17 15.34
N LEU A 74 -2.50 16.97 14.91
CA LEU A 74 -3.65 16.89 14.01
C LEU A 74 -4.85 16.38 14.80
N THR A 75 -5.98 17.11 14.74
CA THR A 75 -7.23 16.66 15.34
C THR A 75 -8.24 16.39 14.25
N ILE A 76 -8.84 15.19 14.27
CA ILE A 76 -9.89 14.84 13.33
C ILE A 76 -11.18 14.79 14.15
N SER A 77 -12.08 15.74 13.93
CA SER A 77 -13.38 15.72 14.58
C SER A 77 -14.40 15.04 13.67
N GLY A 78 -15.43 14.44 14.29
CA GLY A 78 -16.49 13.82 13.53
C GLY A 78 -15.98 12.72 12.61
N VAL A 79 -15.13 11.83 13.12
CA VAL A 79 -14.47 10.82 12.30
C VAL A 79 -15.49 10.02 11.48
N GLN A 80 -15.19 9.85 10.18
CA GLN A 80 -16.00 9.01 9.30
C GLN A 80 -15.16 7.82 8.84
N CYS A 81 -15.82 6.81 8.27
CA CYS A 81 -15.10 5.60 7.88
C CYS A 81 -14.05 5.94 6.81
N ASP A 82 -14.30 7.01 6.05
CA ASP A 82 -13.43 7.45 4.98
C ASP A 82 -12.13 8.04 5.55
N ASP A 83 -12.07 8.29 6.87
CA ASP A 83 -10.87 8.77 7.52
C ASP A 83 -9.94 7.63 7.94
N ALA A 84 -10.40 6.39 7.77
CA ALA A 84 -9.56 5.23 8.03
C ALA A 84 -8.38 5.28 7.07
N ALA A 85 -7.18 5.44 7.61
CA ALA A 85 -6.02 5.83 6.81
C ALA A 85 -4.81 5.92 7.72
N THR A 86 -3.64 6.12 7.11
CA THR A 86 -2.45 6.47 7.88
C THR A 86 -2.21 7.96 7.69
N TYR A 87 -1.77 8.62 8.76
CA TYR A 87 -1.51 10.06 8.74
C TYR A 87 -0.04 10.34 9.06
N TYR A 88 0.56 11.24 8.28
CA TYR A 88 1.97 11.54 8.42
C TYR A 88 2.15 13.04 8.59
N CYS A 89 2.99 13.47 9.52
CA CYS A 89 3.48 14.82 9.54
C CYS A 89 4.73 14.89 8.67
N GLN A 90 4.94 16.06 8.03
CA GLN A 90 6.15 16.32 7.28
C GLN A 90 6.65 17.70 7.66
N GLY A 91 7.90 17.77 8.14
CA GLY A 91 8.49 19.03 8.48
C GLY A 91 9.37 19.53 7.36
N GLY A 92 9.52 20.84 7.32
CA GLY A 92 10.37 21.51 6.35
C GLY A 92 11.46 22.29 7.05
N PHE A 93 12.67 22.22 6.47
CA PHE A 93 13.84 22.92 6.97
C PHE A 93 14.64 23.40 5.78
N PRO A 94 15.61 24.33 5.99
CA PRO A 94 16.47 24.79 4.92
C PRO A 94 17.34 23.64 4.42
N CYS A 95 17.20 23.35 3.13
CA CYS A 95 18.00 22.32 2.47
C CYS A 95 19.49 22.50 2.75
N ARG A 96 19.96 23.76 2.83
CA ARG A 96 21.40 24.02 2.90
C ARG A 96 21.95 23.78 4.31
N THR A 97 21.10 23.52 5.30
CA THR A 97 21.59 23.26 6.65
C THR A 97 20.97 22.02 7.29
N ALA A 98 20.05 21.34 6.61
CA ALA A 98 19.40 20.16 7.16
C ALA A 98 18.64 19.46 6.05
N ASP A 99 17.99 18.34 6.42
CA ASP A 99 17.17 17.66 5.43
C ASP A 99 16.09 18.62 4.94
N CYS A 100 15.90 18.68 3.61
CA CYS A 100 14.90 19.51 2.98
C CYS A 100 13.53 19.31 3.64
N ASN A 101 13.15 18.04 3.81
CA ASN A 101 11.89 17.68 4.42
C ASN A 101 12.10 16.38 5.18
N VAL A 102 11.26 16.17 6.19
CA VAL A 102 11.34 14.99 7.03
C VAL A 102 9.92 14.57 7.34
N PHE A 103 9.65 13.29 7.10
CA PHE A 103 8.37 12.70 7.41
C PHE A 103 8.43 12.04 8.77
N GLY A 104 7.34 12.17 9.55
CA GLY A 104 7.17 11.30 10.69
C GLY A 104 6.88 9.87 10.23
N GLY A 105 6.83 8.93 11.18
CA GLY A 105 6.69 7.51 10.86
C GLY A 105 5.25 7.06 10.66
N GLY A 106 4.26 7.91 10.90
CA GLY A 106 2.90 7.52 10.56
C GLY A 106 2.10 7.14 11.80
N THR A 107 0.82 7.52 11.78
CA THR A 107 -0.16 7.09 12.76
C THR A 107 -1.41 6.63 12.02
N GLU A 108 -1.75 5.35 12.16
CA GLU A 108 -2.98 4.80 11.57
C GLU A 108 -4.19 5.21 12.37
N VAL A 109 -5.30 5.48 11.67
CA VAL A 109 -6.58 5.73 12.31
C VAL A 109 -7.49 4.54 12.00
N VAL A 110 -8.00 3.92 13.07
CA VAL A 110 -9.01 2.89 12.98
C VAL A 110 -10.32 3.50 13.45
N VAL A 111 -11.35 3.43 12.59
CA VAL A 111 -12.65 4.06 12.83
C VAL A 111 -13.62 2.93 13.18
N LYS A 112 -14.27 3.04 14.36
CA LYS A 112 -15.15 1.99 14.88
C LYS A 112 -16.55 2.24 14.34
N GLY A 113 -17.02 1.33 13.50
CA GLY A 113 -18.33 1.44 12.88
C GLY A 113 -19.32 0.52 13.58
N ASP A 114 -20.48 0.32 12.95
CA ASP A 114 -21.44 -0.67 13.41
C ASP A 114 -20.81 -2.05 13.27
N PRO A 115 -20.96 -2.97 14.27
CA PRO A 115 -20.35 -4.29 14.20
C PRO A 115 -21.10 -5.12 13.16
N VAL A 116 -20.35 -5.94 12.41
CA VAL A 116 -20.91 -6.88 11.45
C VAL A 116 -20.14 -8.19 11.62
N ALA A 117 -20.88 -9.31 11.74
CA ALA A 117 -20.27 -10.62 11.82
C ALA A 117 -19.77 -11.00 10.43
N PRO A 118 -18.61 -11.68 10.33
CA PRO A 118 -18.04 -12.00 9.02
C PRO A 118 -18.86 -13.01 8.21
N THR A 119 -18.86 -12.87 6.87
CA THR A 119 -19.28 -13.91 5.97
C THR A 119 -18.07 -14.76 5.58
N VAL A 120 -18.08 -16.05 5.97
CA VAL A 120 -16.90 -16.88 5.90
C VAL A 120 -17.10 -17.92 4.81
N LEU A 121 -16.08 -18.09 3.98
CA LEU A 121 -16.16 -19.04 2.89
C LEU A 121 -14.81 -19.73 2.82
N ILE A 122 -14.84 -21.02 2.51
CA ILE A 122 -13.63 -21.78 2.30
C ILE A 122 -13.68 -22.35 0.88
N PHE A 123 -12.52 -22.35 0.23
CA PHE A 123 -12.37 -22.69 -1.16
C PHE A 123 -11.35 -23.79 -1.30
N PRO A 124 -11.78 -25.04 -1.63
CA PRO A 124 -10.81 -26.10 -1.88
C PRO A 124 -9.93 -25.74 -3.07
N PRO A 125 -8.73 -26.35 -3.14
CA PRO A 125 -7.83 -26.13 -4.27
C PRO A 125 -8.47 -26.66 -5.53
N ALA A 126 -8.40 -25.84 -6.60
CA ALA A 126 -8.72 -26.29 -7.95
C ALA A 126 -7.87 -27.50 -8.29
N ALA A 127 -8.47 -28.46 -9.00
CA ALA A 127 -7.81 -29.68 -9.46
C ALA A 127 -6.47 -29.39 -10.13
N ASP A 128 -6.39 -28.31 -10.88
CA ASP A 128 -5.18 -28.06 -11.67
C ASP A 128 -4.06 -27.43 -10.82
N GLN A 129 -4.33 -27.07 -9.54
CA GLN A 129 -3.28 -26.73 -8.60
C GLN A 129 -2.41 -27.93 -8.28
N VAL A 130 -3.06 -29.08 -8.10
CA VAL A 130 -2.42 -30.30 -7.64
C VAL A 130 -1.22 -30.64 -8.53
N ALA A 131 -1.38 -30.53 -9.86
CA ALA A 131 -0.34 -30.84 -10.83
C ALA A 131 0.92 -30.03 -10.59
N THR A 132 0.79 -28.86 -9.96
CA THR A 132 1.95 -28.01 -9.73
C THR A 132 2.79 -28.53 -8.56
N GLY A 133 2.25 -29.45 -7.75
CA GLY A 133 2.97 -29.97 -6.57
C GLY A 133 2.67 -29.23 -5.26
N THR A 134 2.08 -28.04 -5.37
N THR A 134 2.06 -28.04 -5.36
CA THR A 134 1.65 -27.29 -4.19
CA THR A 134 1.68 -27.26 -4.20
C THR A 134 0.18 -26.94 -4.35
C THR A 134 0.21 -26.85 -4.35
N VAL A 135 -0.49 -26.79 -3.21
CA VAL A 135 -1.91 -26.53 -3.18
C VAL A 135 -2.13 -25.44 -2.15
N THR A 136 -3.02 -24.49 -2.50
CA THR A 136 -3.36 -23.36 -1.65
C THR A 136 -4.85 -23.41 -1.37
N ILE A 137 -5.19 -23.53 -0.09
CA ILE A 137 -6.59 -23.49 0.31
C ILE A 137 -6.89 -22.08 0.76
N VAL A 138 -8.02 -21.53 0.32
CA VAL A 138 -8.33 -20.15 0.60
C VAL A 138 -9.60 -20.06 1.45
N CYS A 139 -9.48 -19.32 2.53
CA CYS A 139 -10.59 -18.93 3.36
C CYS A 139 -10.72 -17.41 3.29
N VAL A 140 -11.94 -16.90 3.15
CA VAL A 140 -12.16 -15.46 3.24
C VAL A 140 -13.17 -15.18 4.33
N ALA A 141 -12.93 -14.09 5.07
CA ALA A 141 -13.91 -13.51 5.97
C ALA A 141 -14.27 -12.13 5.43
N ASN A 142 -15.47 -12.01 4.87
CA ASN A 142 -15.90 -10.81 4.14
C ASN A 142 -16.80 -9.94 5.03
N LYS A 143 -16.61 -8.62 4.90
CA LYS A 143 -17.48 -7.58 5.45
C LYS A 143 -17.67 -7.74 6.96
N TYR A 144 -16.67 -7.39 7.74
CA TYR A 144 -16.72 -7.63 9.18
C TYR A 144 -16.10 -6.47 9.96
N PHE A 145 -16.65 -6.26 11.14
CA PHE A 145 -16.07 -5.38 12.15
C PHE A 145 -16.66 -5.77 13.51
N PRO A 146 -15.88 -5.83 14.61
CA PRO A 146 -14.43 -5.56 14.60
C PRO A 146 -13.55 -6.71 14.10
N ASP A 147 -12.24 -6.63 14.40
CA ASP A 147 -11.27 -7.57 13.89
C ASP A 147 -11.58 -9.00 14.34
N VAL A 148 -11.12 -9.95 13.51
CA VAL A 148 -11.33 -11.37 13.74
C VAL A 148 -9.99 -12.06 13.89
N THR A 149 -10.07 -13.33 14.29
CA THR A 149 -8.93 -14.24 14.33
C THR A 149 -9.28 -15.44 13.45
N VAL A 150 -8.30 -15.93 12.68
CA VAL A 150 -8.52 -17.11 11.87
C VAL A 150 -7.68 -18.25 12.41
N THR A 151 -8.30 -19.42 12.53
CA THR A 151 -7.60 -20.64 12.84
C THR A 151 -7.89 -21.61 11.71
N TRP A 152 -6.84 -22.32 11.29
CA TRP A 152 -6.95 -23.49 10.43
C TRP A 152 -6.81 -24.77 11.25
N GLU A 153 -7.67 -25.74 10.94
CA GLU A 153 -7.58 -27.03 11.57
C GLU A 153 -7.70 -28.04 10.46
N VAL A 154 -6.74 -28.96 10.44
CA VAL A 154 -6.76 -30.03 9.47
C VAL A 154 -6.98 -31.33 10.23
N ASP A 155 -8.07 -32.02 9.93
CA ASP A 155 -8.46 -33.19 10.72
C ASP A 155 -8.32 -32.85 12.21
N GLY A 156 -8.85 -31.68 12.58
CA GLY A 156 -8.95 -31.28 13.96
C GLY A 156 -7.67 -30.68 14.55
N THR A 157 -6.54 -30.79 13.85
CA THR A 157 -5.25 -30.34 14.37
C THR A 157 -5.01 -28.90 13.95
N THR A 158 -4.77 -28.01 14.93
CA THR A 158 -4.56 -26.59 14.65
C THR A 158 -3.29 -26.45 13.81
N GLN A 159 -3.35 -25.66 12.72
CA GLN A 159 -2.20 -25.40 11.88
C GLN A 159 -1.49 -24.15 12.38
N THR A 160 -0.15 -24.19 12.33
CA THR A 160 0.65 -23.08 12.82
C THR A 160 1.52 -22.49 11.72
N THR A 161 1.67 -23.20 10.59
CA THR A 161 2.53 -22.71 9.51
C THR A 161 1.86 -22.95 8.16
N GLY A 162 2.45 -22.39 7.10
CA GLY A 162 1.89 -22.47 5.76
C GLY A 162 0.77 -21.46 5.54
N ILE A 163 0.56 -20.53 6.49
CA ILE A 163 -0.62 -19.66 6.53
C ILE A 163 -0.24 -18.21 6.24
N GLU A 164 -0.95 -17.57 5.31
CA GLU A 164 -0.75 -16.15 5.03
C GLU A 164 -2.09 -15.41 5.06
N ASN A 165 -2.11 -14.29 5.78
CA ASN A 165 -3.30 -13.49 6.01
C ASN A 165 -3.14 -12.15 5.30
N SER A 166 -4.25 -11.64 4.75
CA SER A 166 -4.24 -10.38 4.05
C SER A 166 -5.59 -9.68 4.26
N LYS A 167 -5.51 -8.52 4.94
CA LYS A 167 -6.69 -7.76 5.33
C LYS A 167 -6.76 -6.50 4.47
N THR A 168 -7.95 -6.23 3.89
CA THR A 168 -8.20 -5.00 3.17
C THR A 168 -8.19 -3.83 4.16
N PRO A 169 -8.00 -2.59 3.68
CA PRO A 169 -8.32 -1.43 4.50
C PRO A 169 -9.81 -1.38 4.83
N GLN A 170 -10.13 -0.59 5.85
CA GLN A 170 -11.51 -0.33 6.24
C GLN A 170 -12.27 0.27 5.06
N ASN A 171 -13.40 -0.34 4.73
CA ASN A 171 -14.34 0.23 3.78
C ASN A 171 -14.70 1.66 4.19
N SER A 172 -14.79 2.54 3.19
CA SER A 172 -14.88 3.97 3.45
C SER A 172 -16.34 4.37 3.65
N ALA A 173 -17.26 3.46 3.30
CA ALA A 173 -18.68 3.66 3.58
C ALA A 173 -19.06 3.08 4.94
N ASP A 174 -18.55 1.90 5.31
CA ASP A 174 -19.15 1.25 6.46
C ASP A 174 -18.13 0.72 7.48
N CYS A 175 -16.84 1.07 7.31
CA CYS A 175 -15.77 0.75 8.28
C CYS A 175 -15.44 -0.75 8.33
N THR A 176 -15.96 -1.58 7.41
CA THR A 176 -15.71 -3.01 7.53
C THR A 176 -14.40 -3.41 6.84
N TYR A 177 -13.87 -4.54 7.32
CA TYR A 177 -12.71 -5.21 6.75
C TYR A 177 -13.18 -6.42 5.94
N ASN A 178 -12.27 -6.87 5.09
CA ASN A 178 -12.31 -8.19 4.49
C ASN A 178 -10.94 -8.82 4.74
N LEU A 179 -10.93 -10.14 4.88
CA LEU A 179 -9.72 -10.89 5.18
C LEU A 179 -9.67 -12.12 4.30
N SER A 180 -8.49 -12.34 3.70
N SER A 180 -8.53 -12.30 3.61
CA SER A 180 -8.18 -13.57 2.99
CA SER A 180 -8.19 -13.58 3.04
C SER A 180 -7.06 -14.30 3.73
C SER A 180 -7.18 -14.25 3.95
N SER A 181 -7.31 -15.57 4.06
CA SER A 181 -6.37 -16.43 4.75
C SER A 181 -6.13 -17.63 3.86
N THR A 182 -4.85 -17.98 3.66
CA THR A 182 -4.48 -19.09 2.78
C THR A 182 -3.60 -20.06 3.54
N LEU A 183 -3.90 -21.35 3.36
CA LEU A 183 -3.05 -22.42 3.84
C LEU A 183 -2.46 -23.11 2.62
N THR A 184 -1.14 -23.22 2.58
CA THR A 184 -0.42 -23.79 1.46
C THR A 184 0.22 -25.07 1.97
N LEU A 185 0.09 -26.14 1.17
CA LEU A 185 0.62 -27.45 1.52
C LEU A 185 1.15 -28.06 0.22
N THR A 186 2.03 -29.06 0.29
CA THR A 186 2.33 -29.81 -0.92
C THR A 186 1.07 -30.60 -1.29
N SER A 187 0.97 -31.03 -2.54
CA SER A 187 -0.19 -31.80 -2.99
C SER A 187 -0.30 -33.09 -2.18
N THR A 188 0.87 -33.70 -1.89
CA THR A 188 0.92 -34.97 -1.15
C THR A 188 0.51 -34.74 0.29
N GLN A 189 0.92 -33.64 0.91
CA GLN A 189 0.48 -33.37 2.27
C GLN A 189 -1.02 -33.08 2.26
N TYR A 190 -1.44 -32.29 1.29
CA TYR A 190 -2.87 -31.98 1.17
C TYR A 190 -3.67 -33.29 1.12
N ASN A 191 -3.19 -34.24 0.31
CA ASN A 191 -3.90 -35.50 0.11
C ASN A 191 -3.68 -36.51 1.23
N SER A 192 -2.99 -36.11 2.31
CA SER A 192 -2.77 -36.92 3.49
C SER A 192 -3.81 -36.61 4.58
N HIS A 193 -4.69 -35.64 4.38
CA HIS A 193 -5.68 -35.27 5.39
C HIS A 193 -7.06 -35.22 4.74
N LYS A 194 -8.10 -35.32 5.53
CA LYS A 194 -9.46 -35.42 5.01
C LYS A 194 -10.20 -34.09 5.14
N GLU A 195 -10.27 -33.52 6.35
CA GLU A 195 -11.07 -32.34 6.58
C GLU A 195 -10.19 -31.12 6.79
N TYR A 196 -10.56 -30.03 6.10
CA TYR A 196 -9.95 -28.71 6.20
C TYR A 196 -10.99 -27.76 6.75
N THR A 197 -10.64 -27.05 7.82
CA THR A 197 -11.53 -26.17 8.56
C THR A 197 -10.85 -24.82 8.71
N CYS A 198 -11.62 -23.80 8.34
CA CYS A 198 -11.34 -22.40 8.61
C CYS A 198 -12.30 -21.92 9.70
N LYS A 199 -11.76 -21.54 10.87
CA LYS A 199 -12.58 -21.10 11.99
C LYS A 199 -12.26 -19.63 12.25
N VAL A 200 -13.28 -18.79 12.16
CA VAL A 200 -13.08 -17.37 12.28
C VAL A 200 -13.80 -16.93 13.55
N THR A 201 -13.04 -16.32 14.46
CA THR A 201 -13.55 -15.84 15.73
C THR A 201 -13.56 -14.32 15.76
N GLN A 202 -14.75 -13.76 15.98
CA GLN A 202 -14.95 -12.35 16.26
C GLN A 202 -15.54 -12.21 17.67
N GLY A 203 -14.68 -11.89 18.65
CA GLY A 203 -15.11 -11.80 20.04
C GLY A 203 -15.25 -13.19 20.64
N THR A 204 -16.50 -13.60 20.92
CA THR A 204 -16.80 -14.97 21.30
C THR A 204 -17.66 -15.64 20.22
N THR A 205 -17.93 -14.94 19.12
CA THR A 205 -18.59 -15.55 17.98
C THR A 205 -17.57 -16.36 17.18
N SER A 206 -17.91 -17.62 16.86
CA SER A 206 -17.12 -18.47 15.99
C SER A 206 -17.96 -18.83 14.76
N VAL A 207 -17.39 -18.63 13.57
CA VAL A 207 -17.92 -19.26 12.38
C VAL A 207 -16.92 -20.36 11.97
N VAL A 208 -17.46 -21.54 11.67
CA VAL A 208 -16.66 -22.68 11.26
C VAL A 208 -17.10 -23.00 9.83
N GLN A 209 -16.15 -23.01 8.88
CA GLN A 209 -16.42 -23.47 7.53
C GLN A 209 -15.41 -24.55 7.17
N SER A 210 -15.89 -25.66 6.63
CA SER A 210 -15.15 -26.91 6.51
C SER A 210 -15.43 -27.52 5.14
N PHE A 211 -14.51 -28.37 4.66
CA PHE A 211 -14.81 -29.28 3.58
C PHE A 211 -13.98 -30.54 3.76
N ASN A 212 -14.50 -31.63 3.22
CA ASN A 212 -13.80 -32.89 3.16
C ASN A 212 -13.26 -33.02 1.74
N ARG A 213 -11.97 -33.33 1.69
CA ARG A 213 -11.21 -33.43 0.46
C ARG A 213 -11.99 -34.26 -0.57
N GLY A 214 -12.50 -35.42 -0.13
CA GLY A 214 -13.18 -36.36 -1.01
C GLY A 214 -14.48 -35.85 -1.65
N ASP A 215 -15.15 -34.87 -1.01
CA ASP A 215 -16.40 -34.32 -1.50
C ASP A 215 -16.18 -33.26 -2.59
N CYS A 216 -14.96 -33.16 -3.13
CA CYS A 216 -14.66 -32.17 -4.17
C CYS A 216 -14.34 -32.86 -5.49
N GLN B 1 -3.98 18.73 -16.20
CA GLN B 1 -3.16 19.98 -16.11
C GLN B 1 -1.77 19.60 -15.56
N GLU B 2 -1.35 20.07 -14.37
CA GLU B 2 0.01 19.82 -13.93
C GLU B 2 0.07 18.44 -13.29
N GLN B 3 0.98 17.57 -13.75
CA GLN B 3 1.14 16.27 -13.12
C GLN B 3 2.60 15.81 -13.15
N LEU B 4 2.91 14.83 -12.30
CA LEU B 4 4.19 14.12 -12.29
C LEU B 4 3.93 12.64 -12.45
N VAL B 5 4.82 11.96 -13.18
CA VAL B 5 4.76 10.52 -13.31
C VAL B 5 6.15 9.96 -13.18
N GLU B 6 6.33 9.03 -12.23
CA GLU B 6 7.59 8.33 -12.04
C GLU B 6 7.62 7.10 -12.95
N SER B 7 8.80 6.80 -13.47
CA SER B 7 9.01 5.64 -14.30
C SER B 7 10.37 5.04 -14.00
N GLY B 8 10.57 3.81 -14.44
CA GLY B 8 11.88 3.19 -14.37
C GLY B 8 11.96 2.12 -13.29
N GLY B 9 11.01 2.14 -12.36
CA GLY B 9 10.92 1.13 -11.33
C GLY B 9 10.80 -0.27 -11.94
N ASP B 10 11.62 -1.20 -11.41
CA ASP B 10 11.64 -2.54 -11.95
C ASP B 10 12.27 -3.46 -10.91
N LEU B 11 12.19 -4.75 -11.23
CA LEU B 11 12.98 -5.81 -10.64
C LEU B 11 14.45 -5.57 -11.01
N VAL B 12 15.35 -5.69 -10.05
CA VAL B 12 16.76 -5.37 -10.24
C VAL B 12 17.58 -6.21 -9.26
N LYS B 13 18.77 -6.68 -9.70
CA LYS B 13 19.60 -7.56 -8.89
C LYS B 13 20.23 -6.78 -7.74
N PRO B 14 20.42 -7.42 -6.56
CA PRO B 14 21.25 -6.82 -5.52
C PRO B 14 22.61 -6.47 -6.14
N GLY B 15 23.13 -5.29 -5.79
CA GLY B 15 24.43 -4.81 -6.20
C GLY B 15 24.38 -4.05 -7.53
N ALA B 16 23.24 -4.14 -8.23
CA ALA B 16 23.09 -3.49 -9.53
C ALA B 16 22.63 -2.05 -9.33
N SER B 17 22.40 -1.37 -10.45
CA SER B 17 22.01 0.02 -10.50
C SER B 17 20.68 0.18 -11.22
N LEU B 18 19.98 1.28 -10.94
CA LEU B 18 18.74 1.60 -11.63
C LEU B 18 18.57 3.13 -11.67
N THR B 19 18.04 3.64 -12.79
CA THR B 19 17.70 5.05 -12.89
C THR B 19 16.17 5.20 -12.99
N LEU B 20 15.63 6.05 -12.12
CA LEU B 20 14.23 6.42 -12.14
C LEU B 20 14.10 7.80 -12.77
N THR B 21 12.99 8.02 -13.45
CA THR B 21 12.66 9.28 -14.07
C THR B 21 11.35 9.82 -13.48
N CYS B 22 11.39 11.10 -13.17
CA CYS B 22 10.21 11.86 -12.84
C CYS B 22 9.93 12.83 -13.99
N THR B 23 8.77 12.66 -14.66
CA THR B 23 8.40 13.48 -15.80
C THR B 23 7.25 14.41 -15.43
N ALA B 24 7.47 15.71 -15.61
CA ALA B 24 6.47 16.73 -15.50
C ALA B 24 5.67 16.87 -16.78
N SER B 25 4.34 17.05 -16.60
CA SER B 25 3.41 17.45 -17.65
C SER B 25 2.65 18.69 -17.19
N GLY B 26 2.38 19.61 -18.12
CA GLY B 26 1.59 20.79 -17.81
C GLY B 26 2.46 21.93 -17.34
N PHE B 27 3.75 21.67 -17.07
CA PHE B 27 4.68 22.73 -16.72
C PHE B 27 6.12 22.31 -17.07
N SER B 28 7.03 23.28 -16.98
N SER B 28 7.02 23.30 -16.97
CA SER B 28 8.45 23.05 -17.11
CA SER B 28 8.45 23.14 -17.13
C SER B 28 9.16 23.70 -15.91
C SER B 28 9.16 23.70 -15.89
N PHE B 29 10.39 23.23 -15.64
CA PHE B 29 11.16 23.69 -14.49
C PHE B 29 11.54 25.14 -14.65
N SER B 30 11.07 25.96 -13.71
CA SER B 30 11.31 27.40 -13.77
C SER B 30 12.09 27.76 -12.52
N SER B 31 11.39 28.05 -11.44
CA SER B 31 12.09 28.37 -10.20
C SER B 31 11.09 28.40 -9.05
N ASN B 32 11.65 28.65 -7.86
CA ASN B 32 10.88 28.84 -6.65
C ASN B 32 10.29 27.51 -6.18
N TYR B 33 10.86 26.40 -6.69
CA TYR B 33 10.54 25.11 -6.14
C TYR B 33 11.67 24.11 -6.41
N TRP B 34 11.58 22.98 -5.71
CA TRP B 34 12.51 21.89 -5.85
C TRP B 34 11.74 20.67 -6.32
N MET B 35 12.43 19.78 -7.02
CA MET B 35 11.88 18.47 -7.34
C MET B 35 12.62 17.48 -6.46
N CYS B 36 11.84 16.67 -5.74
CA CYS B 36 12.37 15.76 -4.73
C CYS B 36 11.90 14.33 -4.92
N TRP B 37 12.67 13.42 -4.34
CA TRP B 37 12.31 12.00 -4.32
C TRP B 37 12.15 11.56 -2.88
N PHE B 38 11.13 10.74 -2.67
CA PHE B 38 10.94 9.99 -1.44
C PHE B 38 10.81 8.51 -1.78
N ARG B 39 10.95 7.66 -0.78
CA ARG B 39 10.56 6.28 -1.00
C ARG B 39 9.83 5.74 0.21
N GLN B 40 9.07 4.68 -0.04
CA GLN B 40 8.24 4.07 0.97
C GLN B 40 8.28 2.55 0.81
N ALA B 41 8.89 1.89 1.80
CA ALA B 41 9.05 0.45 1.76
C ALA B 41 7.77 -0.17 2.28
N PRO B 42 7.46 -1.43 1.90
CA PRO B 42 6.15 -2.00 2.17
C PRO B 42 5.87 -1.97 3.67
N GLY B 43 4.72 -1.41 4.04
CA GLY B 43 4.29 -1.30 5.42
C GLY B 43 5.16 -0.34 6.25
N LYS B 44 5.86 0.58 5.59
CA LYS B 44 6.61 1.62 6.26
C LYS B 44 6.10 2.97 5.75
N GLY B 45 6.60 4.06 6.32
CA GLY B 45 6.25 5.39 5.88
C GLY B 45 7.23 5.93 4.84
N PRO B 46 6.87 7.05 4.18
CA PRO B 46 7.72 7.64 3.16
C PRO B 46 8.90 8.33 3.83
N GLU B 47 10.06 8.25 3.17
CA GLU B 47 11.24 8.91 3.71
C GLU B 47 11.92 9.66 2.56
N TRP B 48 12.47 10.81 2.95
CA TRP B 48 13.10 11.71 2.01
C TRP B 48 14.41 11.12 1.52
N ILE B 49 14.71 11.31 0.23
CA ILE B 49 15.97 10.89 -0.35
C ILE B 49 16.79 12.12 -0.78
N ALA B 50 16.21 12.95 -1.65
CA ALA B 50 16.94 14.03 -2.31
C ALA B 50 16.00 15.05 -2.93
N CYS B 51 16.53 16.28 -3.08
CA CYS B 51 15.88 17.35 -3.80
C CYS B 51 16.86 18.00 -4.76
N ILE B 52 16.33 18.56 -5.85
CA ILE B 52 17.09 19.41 -6.75
C ILE B 52 16.34 20.72 -6.98
N TYR B 53 17.04 21.86 -6.89
CA TYR B 53 16.38 23.13 -7.15
C TYR B 53 15.99 23.18 -8.62
N ALA B 54 14.78 23.64 -8.93
CA ALA B 54 14.31 23.76 -10.31
C ALA B 54 14.98 24.94 -11.02
N GLY B 55 15.39 25.96 -10.25
CA GLY B 55 16.04 27.14 -10.81
C GLY B 55 17.49 26.88 -11.19
N ASN B 56 18.22 27.96 -11.48
CA ASN B 56 19.48 27.88 -12.21
C ASN B 56 20.59 27.27 -11.36
N SER B 57 20.56 27.54 -10.04
CA SER B 57 21.33 26.78 -9.09
C SER B 57 21.48 25.33 -9.57
N GLY B 58 20.36 24.61 -9.68
CA GLY B 58 20.41 23.16 -9.78
C GLY B 58 21.05 22.55 -8.53
N SER B 59 21.04 23.29 -7.42
CA SER B 59 21.54 22.78 -6.14
C SER B 59 20.90 21.41 -5.89
N THR B 60 21.70 20.43 -5.43
CA THR B 60 21.24 19.09 -5.07
C THR B 60 21.43 18.86 -3.56
N TYR B 61 20.48 18.15 -2.95
CA TYR B 61 20.45 17.87 -1.53
C TYR B 61 20.05 16.41 -1.32
N TYR B 62 20.68 15.78 -0.33
CA TYR B 62 20.59 14.34 -0.11
C TYR B 62 20.45 14.04 1.38
N ALA B 63 19.62 13.06 1.71
CA ALA B 63 19.63 12.52 3.06
C ALA B 63 21.00 11.90 3.30
N THR B 64 21.47 11.98 4.54
CA THR B 64 22.78 11.48 4.94
C THR B 64 23.03 10.08 4.38
N TRP B 65 22.04 9.20 4.59
CA TRP B 65 22.16 7.80 4.24
C TRP B 65 22.26 7.62 2.72
N ALA B 66 21.93 8.64 1.93
CA ALA B 66 21.69 8.47 0.51
C ALA B 66 22.82 9.00 -0.38
N LYS B 67 23.66 9.90 0.14
CA LYS B 67 24.49 10.72 -0.75
C LYS B 67 25.56 9.85 -1.41
N GLY B 68 25.87 8.68 -0.84
CA GLY B 68 26.75 7.75 -1.52
C GLY B 68 26.15 7.30 -2.86
N ARG B 69 25.02 6.64 -2.75
CA ARG B 69 24.55 5.72 -3.76
C ARG B 69 23.51 6.35 -4.68
N PHE B 70 22.97 7.51 -4.30
CA PHE B 70 21.90 8.17 -5.03
C PHE B 70 22.38 9.48 -5.66
N THR B 71 21.97 9.70 -6.92
CA THR B 71 22.25 10.94 -7.61
C THR B 71 20.97 11.47 -8.21
N ILE B 72 20.68 12.72 -7.90
CA ILE B 72 19.52 13.41 -8.44
C ILE B 72 20.04 14.43 -9.45
N SER B 73 19.46 14.37 -10.64
CA SER B 73 19.82 15.25 -11.75
C SER B 73 18.58 15.79 -12.43
N LYS B 74 18.68 16.97 -13.03
CA LYS B 74 17.74 17.44 -14.04
C LYS B 74 18.26 17.03 -15.41
N THR B 75 17.45 16.32 -16.21
CA THR B 75 17.92 15.81 -17.49
C THR B 75 17.22 16.50 -18.65
N SER B 76 16.31 17.43 -18.34
CA SER B 76 15.56 18.19 -19.32
C SER B 76 14.70 19.17 -18.54
N SER B 77 13.95 20.00 -19.25
CA SER B 77 13.05 20.96 -18.61
C SER B 77 11.82 20.28 -18.01
N THR B 78 11.66 18.97 -18.25
CA THR B 78 10.49 18.24 -17.75
C THR B 78 10.87 16.91 -17.10
N THR B 79 12.17 16.59 -16.98
CA THR B 79 12.57 15.33 -16.37
C THR B 79 13.66 15.54 -15.32
N VAL B 80 13.52 14.78 -14.23
CA VAL B 80 14.49 14.69 -13.15
C VAL B 80 14.74 13.20 -12.94
N THR B 81 16.00 12.80 -12.80
CA THR B 81 16.29 11.39 -12.58
C THR B 81 16.82 11.14 -11.18
N LEU B 82 16.58 9.93 -10.70
CA LEU B 82 17.25 9.41 -9.53
C LEU B 82 18.03 8.17 -9.95
N GLN B 83 19.37 8.27 -9.95
N GLN B 83 19.36 8.27 -9.90
CA GLN B 83 20.22 7.13 -10.23
CA GLN B 83 20.27 7.16 -10.19
C GLN B 83 20.60 6.50 -8.89
C GLN B 83 20.61 6.51 -8.87
N MET B 84 20.41 5.18 -8.79
CA MET B 84 20.57 4.44 -7.56
C MET B 84 21.53 3.28 -7.79
N THR B 85 22.58 3.16 -6.95
CA THR B 85 23.60 2.16 -7.18
C THR B 85 23.76 1.27 -5.96
N SER B 86 24.44 0.14 -6.17
CA SER B 86 24.74 -0.81 -5.12
C SER B 86 23.47 -1.18 -4.35
N LEU B 87 22.43 -1.57 -5.10
CA LEU B 87 21.13 -1.78 -4.50
C LEU B 87 21.12 -3.07 -3.69
N THR B 88 20.35 -3.04 -2.60
CA THR B 88 20.08 -4.21 -1.77
C THR B 88 18.58 -4.27 -1.50
N ALA B 89 18.13 -5.39 -0.95
CA ALA B 89 16.73 -5.58 -0.62
C ALA B 89 16.18 -4.44 0.22
N ALA B 90 17.03 -3.77 1.00
CA ALA B 90 16.62 -2.64 1.80
C ALA B 90 16.09 -1.49 0.93
N ASP B 91 16.38 -1.51 -0.38
CA ASP B 91 16.01 -0.42 -1.26
C ASP B 91 14.68 -0.70 -1.98
N THR B 92 14.10 -1.89 -1.77
CA THR B 92 12.78 -2.21 -2.31
C THR B 92 11.78 -1.26 -1.66
N ALA B 93 10.97 -0.61 -2.50
CA ALA B 93 10.09 0.49 -2.08
C ALA B 93 9.38 1.04 -3.31
N THR B 94 8.31 1.81 -3.02
CA THR B 94 7.71 2.70 -3.98
C THR B 94 8.49 3.99 -3.91
N TYR B 95 8.93 4.46 -5.06
CA TYR B 95 9.62 5.72 -5.16
C TYR B 95 8.67 6.77 -5.71
N PHE B 96 8.55 7.89 -4.98
CA PHE B 96 7.71 9.03 -5.38
C PHE B 96 8.50 10.28 -5.65
N CYS B 97 8.07 10.96 -6.72
CA CYS B 97 8.53 12.27 -7.09
C CYS B 97 7.54 13.30 -6.55
N TRP B 98 8.05 14.47 -6.11
CA TRP B 98 7.29 15.49 -5.42
C TRP B 98 7.82 16.85 -5.84
N ARG B 99 6.93 17.83 -6.03
CA ARG B 99 7.32 19.22 -6.18
C ARG B 99 7.17 19.92 -4.82
N ARG B 100 8.32 20.42 -4.33
CA ARG B 100 8.42 21.12 -3.05
C ARG B 100 8.30 22.62 -3.31
N GLY B 101 7.17 23.21 -2.92
CA GLY B 101 6.98 24.65 -3.10
C GLY B 101 7.75 25.46 -2.04
N ALA B 102 8.40 26.55 -2.46
CA ALA B 102 8.98 27.48 -1.50
C ALA B 102 7.92 27.92 -0.50
N TYR B 103 8.42 28.24 0.70
CA TYR B 103 7.59 28.71 1.79
C TYR B 103 6.78 29.92 1.34
N GLY B 104 5.48 29.84 1.64
CA GLY B 104 4.51 30.76 1.11
C GLY B 104 3.66 30.13 0.02
N TYR B 105 4.15 29.02 -0.60
CA TYR B 105 3.54 28.43 -1.78
C TYR B 105 3.53 26.91 -1.72
N TYR B 106 3.71 26.38 -0.51
CA TYR B 106 3.83 24.94 -0.31
C TYR B 106 2.57 24.24 -0.79
N GLY B 107 1.42 24.76 -0.36
CA GLY B 107 0.12 24.23 -0.75
C GLY B 107 -0.12 24.39 -2.26
N ASP B 108 0.22 25.56 -2.78
CA ASP B 108 0.04 25.89 -4.18
C ASP B 108 0.82 24.92 -5.09
N LEU B 109 2.06 24.60 -4.73
CA LEU B 109 2.95 23.88 -5.64
C LEU B 109 3.00 22.38 -5.33
N ASN B 110 2.41 21.97 -4.21
CA ASN B 110 2.39 20.56 -3.83
C ASN B 110 1.84 19.73 -4.99
N LEU B 111 2.63 18.72 -5.43
CA LEU B 111 2.28 17.82 -6.51
C LEU B 111 3.04 16.52 -6.30
N TRP B 112 2.36 15.37 -6.40
CA TRP B 112 2.96 14.08 -6.21
C TRP B 112 2.72 13.22 -7.44
N GLY B 113 3.65 12.33 -7.80
CA GLY B 113 3.34 11.29 -8.75
C GLY B 113 2.64 10.11 -8.08
N PRO B 114 2.16 9.12 -8.86
CA PRO B 114 1.57 7.91 -8.29
C PRO B 114 2.59 6.93 -7.73
N GLY B 115 3.89 7.10 -8.06
CA GLY B 115 4.95 6.27 -7.53
C GLY B 115 5.39 5.26 -8.59
N THR B 116 6.65 4.82 -8.48
CA THR B 116 7.16 3.70 -9.28
C THR B 116 7.74 2.67 -8.31
N LEU B 117 7.48 1.39 -8.52
N LEU B 117 7.52 1.39 -8.59
CA LEU B 117 7.93 0.41 -7.55
CA LEU B 117 7.88 0.30 -7.69
C LEU B 117 9.24 -0.19 -8.02
C LEU B 117 9.26 -0.20 -8.06
N VAL B 118 10.20 -0.23 -7.09
CA VAL B 118 11.52 -0.80 -7.30
C VAL B 118 11.62 -2.08 -6.47
N THR B 119 11.98 -3.19 -7.13
CA THR B 119 12.04 -4.48 -6.45
C THR B 119 13.46 -5.06 -6.57
N VAL B 120 14.22 -5.03 -5.47
CA VAL B 120 15.58 -5.50 -5.50
C VAL B 120 15.56 -6.97 -5.13
N SER B 121 15.85 -7.86 -6.09
CA SER B 121 15.68 -9.30 -5.91
C SER B 121 16.58 -10.06 -6.88
N SER B 122 17.05 -11.24 -6.46
CA SER B 122 17.91 -12.06 -7.31
C SER B 122 17.14 -12.79 -8.41
N GLY B 123 15.81 -12.91 -8.32
CA GLY B 123 15.10 -13.71 -9.30
C GLY B 123 14.74 -12.92 -10.55
N GLN B 124 14.16 -13.63 -11.53
CA GLN B 124 13.74 -13.06 -12.81
C GLN B 124 12.21 -12.97 -12.83
N PRO B 125 11.63 -12.10 -13.69
CA PRO B 125 10.18 -12.01 -13.79
C PRO B 125 9.57 -13.40 -13.92
N LYS B 126 8.44 -13.58 -13.24
CA LYS B 126 7.72 -14.86 -13.25
C LYS B 126 6.22 -14.59 -13.36
N ALA B 127 5.58 -15.26 -14.34
CA ALA B 127 4.15 -15.13 -14.55
C ALA B 127 3.35 -15.90 -13.50
N PRO B 128 2.19 -15.37 -13.07
CA PRO B 128 1.35 -16.06 -12.10
C PRO B 128 0.67 -17.27 -12.71
N SER B 129 0.35 -18.25 -11.87
CA SER B 129 -0.69 -19.21 -12.20
C SER B 129 -2.00 -18.63 -11.69
N VAL B 130 -3.09 -18.83 -12.43
CA VAL B 130 -4.39 -18.35 -12.03
C VAL B 130 -5.29 -19.55 -11.82
N PHE B 131 -5.86 -19.66 -10.63
CA PHE B 131 -6.68 -20.81 -10.27
C PHE B 131 -8.06 -20.33 -9.84
N PRO B 132 -9.13 -21.00 -10.32
CA PRO B 132 -10.49 -20.67 -9.90
C PRO B 132 -10.68 -20.99 -8.42
N LEU B 133 -11.49 -20.17 -7.75
CA LEU B 133 -11.93 -20.43 -6.40
C LEU B 133 -13.45 -20.62 -6.40
N ALA B 134 -13.90 -21.80 -5.99
CA ALA B 134 -15.31 -22.12 -5.94
C ALA B 134 -15.57 -23.11 -4.80
N PRO B 135 -16.72 -23.01 -4.10
CA PRO B 135 -17.15 -24.03 -3.14
C PRO B 135 -16.96 -25.49 -3.58
N CYS B 136 -16.50 -26.31 -2.62
CA CYS B 136 -16.50 -27.77 -2.67
C CYS B 136 -17.81 -28.28 -3.28
N CYS B 137 -17.72 -29.28 -4.16
CA CYS B 137 -18.88 -29.84 -4.85
C CYS B 137 -19.82 -30.50 -3.83
N VAL B 145 -23.66 -16.79 -4.24
CA VAL B 145 -22.40 -17.59 -4.31
C VAL B 145 -21.21 -16.65 -4.46
N THR B 146 -20.15 -16.91 -3.67
CA THR B 146 -18.90 -16.19 -3.82
C THR B 146 -17.92 -17.08 -4.57
N LEU B 147 -17.35 -16.51 -5.64
CA LEU B 147 -16.34 -17.16 -6.46
C LEU B 147 -15.12 -16.25 -6.48
N GLY B 148 -14.01 -16.77 -6.98
CA GLY B 148 -12.78 -16.01 -6.95
C GLY B 148 -11.72 -16.59 -7.87
N CYS B 149 -10.61 -15.87 -7.92
CA CYS B 149 -9.41 -16.30 -8.60
C CYS B 149 -8.23 -16.06 -7.67
N LEU B 150 -7.38 -17.10 -7.57
CA LEU B 150 -6.10 -17.01 -6.89
C LEU B 150 -5.02 -16.80 -7.94
N VAL B 151 -4.27 -15.73 -7.76
CA VAL B 151 -3.20 -15.35 -8.68
C VAL B 151 -1.92 -15.63 -7.92
N LYS B 152 -1.26 -16.75 -8.27
CA LYS B 152 -0.25 -17.32 -7.40
C LYS B 152 1.13 -17.32 -8.08
N GLY B 153 2.13 -16.81 -7.39
CA GLY B 153 3.52 -17.06 -7.73
C GLY B 153 4.05 -16.11 -8.81
N TYR B 154 3.82 -14.81 -8.71
CA TYR B 154 4.35 -13.88 -9.71
C TYR B 154 5.44 -12.98 -9.14
N LEU B 155 6.20 -12.37 -10.05
CA LEU B 155 7.24 -11.40 -9.72
C LEU B 155 7.52 -10.61 -10.99
N PRO B 156 7.71 -9.29 -10.93
CA PRO B 156 7.42 -8.49 -9.75
C PRO B 156 5.96 -8.03 -9.71
N GLU B 157 5.61 -7.23 -8.70
CA GLU B 157 4.37 -6.45 -8.71
C GLU B 157 4.34 -5.55 -9.94
N PRO B 158 3.16 -5.08 -10.42
CA PRO B 158 1.84 -5.52 -9.95
C PRO B 158 1.19 -6.56 -10.85
N VAL B 159 0.04 -7.07 -10.37
CA VAL B 159 -0.99 -7.70 -11.19
C VAL B 159 -2.24 -6.84 -11.10
N THR B 160 -3.09 -6.95 -12.13
CA THR B 160 -4.43 -6.42 -12.03
C THR B 160 -5.43 -7.58 -12.20
N VAL B 161 -6.57 -7.47 -11.50
CA VAL B 161 -7.68 -8.39 -11.60
C VAL B 161 -8.95 -7.57 -11.80
N THR B 162 -9.67 -7.90 -12.87
CA THR B 162 -11.00 -7.41 -13.07
C THR B 162 -11.90 -8.62 -13.19
N TRP B 163 -13.20 -8.34 -13.06
CA TRP B 163 -14.23 -9.32 -13.31
C TRP B 163 -15.12 -8.93 -14.48
N ASN B 164 -15.39 -9.91 -15.35
CA ASN B 164 -16.19 -9.69 -16.54
C ASN B 164 -15.70 -8.42 -17.28
N SER B 165 -14.38 -8.34 -17.49
CA SER B 165 -13.77 -7.26 -18.24
C SER B 165 -13.98 -5.93 -17.56
N GLY B 166 -14.29 -5.93 -16.26
CA GLY B 166 -14.40 -4.71 -15.49
C GLY B 166 -15.84 -4.24 -15.32
N THR B 167 -16.80 -4.89 -15.99
CA THR B 167 -18.20 -4.52 -15.86
C THR B 167 -18.72 -4.88 -14.46
N LEU B 168 -18.18 -5.95 -13.86
CA LEU B 168 -18.58 -6.39 -12.53
C LEU B 168 -17.65 -5.84 -11.44
N THR B 169 -18.15 -4.90 -10.63
CA THR B 169 -17.36 -4.28 -9.58
C THR B 169 -18.06 -4.37 -8.23
N ASN B 170 -19.39 -4.34 -8.24
CA ASN B 170 -20.16 -4.59 -7.03
C ASN B 170 -19.93 -6.01 -6.54
N GLY B 171 -19.64 -6.14 -5.26
CA GLY B 171 -19.41 -7.44 -4.65
C GLY B 171 -18.01 -7.99 -4.89
N VAL B 172 -17.12 -7.19 -5.51
CA VAL B 172 -15.73 -7.57 -5.75
C VAL B 172 -14.89 -7.21 -4.53
N ARG B 173 -14.10 -8.18 -4.05
CA ARG B 173 -13.13 -7.94 -2.98
C ARG B 173 -11.79 -8.50 -3.43
N THR B 174 -10.88 -7.58 -3.77
CA THR B 174 -9.54 -7.96 -4.18
C THR B 174 -8.63 -7.63 -2.99
N PHE B 175 -7.84 -8.61 -2.57
CA PHE B 175 -7.10 -8.52 -1.33
C PHE B 175 -5.69 -8.03 -1.64
N PRO B 176 -5.02 -7.36 -0.67
CA PRO B 176 -3.63 -6.97 -0.84
C PRO B 176 -2.75 -8.19 -1.13
N SER B 177 -1.80 -8.03 -2.05
CA SER B 177 -0.86 -9.10 -2.34
C SER B 177 -0.05 -9.43 -1.09
N VAL B 178 0.46 -10.67 -1.05
N VAL B 178 0.43 -10.68 -1.06
CA VAL B 178 1.42 -11.06 -0.03
CA VAL B 178 1.38 -11.15 -0.06
C VAL B 178 2.62 -11.71 -0.68
C VAL B 178 2.64 -11.61 -0.80
N ARG B 179 3.80 -11.33 -0.21
CA ARG B 179 5.06 -11.81 -0.76
C ARG B 179 5.47 -13.06 0.02
N GLN B 180 5.61 -14.20 -0.66
CA GLN B 180 6.01 -15.44 -0.01
C GLN B 180 7.52 -15.43 0.23
N SER B 181 8.00 -16.43 0.99
CA SER B 181 9.41 -16.59 1.31
C SER B 181 10.25 -16.91 0.07
N SER B 182 9.61 -17.50 -0.93
CA SER B 182 10.19 -17.65 -2.26
C SER B 182 10.57 -16.30 -2.88
N GLY B 183 10.01 -15.19 -2.37
CA GLY B 183 10.11 -13.90 -3.03
C GLY B 183 9.01 -13.67 -4.07
N LEU B 184 8.18 -14.69 -4.35
CA LEU B 184 7.08 -14.54 -5.29
C LEU B 184 5.86 -13.99 -4.58
N TYR B 185 4.97 -13.33 -5.34
CA TYR B 185 3.75 -12.76 -4.78
C TYR B 185 2.53 -13.61 -5.13
N SER B 186 1.51 -13.47 -4.29
CA SER B 186 0.20 -14.07 -4.52
C SER B 186 -0.87 -13.05 -4.14
N LEU B 187 -1.98 -13.09 -4.87
CA LEU B 187 -3.18 -12.39 -4.42
C LEU B 187 -4.43 -13.07 -4.93
N SER B 188 -5.47 -12.81 -4.14
CA SER B 188 -6.81 -13.31 -4.39
C SER B 188 -7.75 -12.15 -4.66
N SER B 189 -8.75 -12.43 -5.52
CA SER B 189 -9.93 -11.61 -5.69
C SER B 189 -11.15 -12.52 -5.64
N VAL B 190 -12.18 -12.04 -4.95
CA VAL B 190 -13.45 -12.76 -4.86
C VAL B 190 -14.55 -11.77 -5.23
N VAL B 191 -15.67 -12.36 -5.68
CA VAL B 191 -16.83 -11.61 -6.10
C VAL B 191 -18.05 -12.39 -5.61
N SER B 192 -18.95 -11.69 -4.92
CA SER B 192 -20.17 -12.30 -4.40
C SER B 192 -21.32 -11.92 -5.33
N VAL B 193 -21.87 -12.93 -6.02
CA VAL B 193 -22.90 -12.78 -7.05
C VAL B 193 -24.13 -13.61 -6.68
N THR B 194 -25.27 -13.28 -7.27
CA THR B 194 -26.48 -14.08 -7.14
C THR B 194 -26.53 -15.10 -8.28
N PRO B 199 -25.48 -17.00 -15.97
CA PRO B 199 -24.80 -15.69 -16.06
C PRO B 199 -23.40 -15.73 -15.45
N GLU B 200 -22.39 -16.09 -16.26
CA GLU B 200 -21.11 -16.60 -15.76
C GLU B 200 -20.11 -15.47 -15.44
N VAL B 201 -19.23 -15.71 -14.45
CA VAL B 201 -18.23 -14.73 -14.02
C VAL B 201 -16.82 -15.20 -14.38
N THR B 202 -16.05 -14.27 -14.93
CA THR B 202 -14.72 -14.49 -15.44
C THR B 202 -13.78 -13.45 -14.82
N CYS B 203 -12.69 -13.91 -14.19
CA CYS B 203 -11.66 -12.99 -13.75
C CYS B 203 -10.69 -12.77 -14.91
N ASN B 204 -10.28 -11.51 -15.08
CA ASN B 204 -9.29 -11.16 -16.07
C ASN B 204 -8.02 -10.75 -15.31
N VAL B 205 -6.96 -11.56 -15.45
CA VAL B 205 -5.75 -11.32 -14.70
C VAL B 205 -4.69 -10.84 -15.68
N ALA B 206 -4.01 -9.73 -15.35
CA ALA B 206 -2.85 -9.31 -16.12
C ALA B 206 -1.66 -9.17 -15.20
N HIS B 207 -0.52 -9.64 -15.72
CA HIS B 207 0.78 -9.40 -15.12
C HIS B 207 1.62 -8.77 -16.23
N PRO B 208 1.59 -7.43 -16.35
CA PRO B 208 2.27 -6.73 -17.46
C PRO B 208 3.71 -7.15 -17.68
N ALA B 209 4.42 -7.37 -16.57
CA ALA B 209 5.85 -7.60 -16.63
C ALA B 209 6.17 -8.84 -17.47
N THR B 210 5.24 -9.80 -17.54
CA THR B 210 5.53 -11.03 -18.26
C THR B 210 4.61 -11.18 -19.45
N ASN B 211 3.87 -10.11 -19.76
CA ASN B 211 2.97 -10.07 -20.90
C ASN B 211 1.84 -11.08 -20.71
N THR B 212 1.44 -11.28 -19.45
CA THR B 212 0.46 -12.28 -19.10
C THR B 212 -0.92 -11.65 -19.09
N LYS B 213 -1.85 -12.27 -19.81
CA LYS B 213 -3.27 -11.96 -19.70
C LYS B 213 -4.04 -13.27 -19.71
N VAL B 214 -4.76 -13.53 -18.62
CA VAL B 214 -5.46 -14.79 -18.42
C VAL B 214 -6.90 -14.45 -18.01
N ASP B 215 -7.84 -15.06 -18.74
CA ASP B 215 -9.23 -15.04 -18.35
C ASP B 215 -9.57 -16.42 -17.80
N LYS B 216 -10.23 -16.44 -16.65
CA LYS B 216 -10.63 -17.69 -16.04
C LYS B 216 -12.11 -17.58 -15.68
N THR B 217 -12.94 -18.38 -16.35
CA THR B 217 -14.35 -18.40 -16.05
C THR B 217 -14.55 -19.41 -14.92
N VAL B 218 -15.12 -18.94 -13.82
CA VAL B 218 -15.16 -19.71 -12.58
C VAL B 218 -16.51 -20.41 -12.48
N ALA B 219 -16.47 -21.74 -12.62
CA ALA B 219 -17.60 -22.65 -12.45
C ALA B 219 -18.09 -22.53 -11.01
N PRO B 220 -19.41 -22.70 -10.73
CA PRO B 220 -19.98 -22.36 -9.42
C PRO B 220 -19.71 -23.38 -8.29
N SER B 221 -19.10 -24.52 -8.63
CA SER B 221 -18.53 -25.41 -7.62
C SER B 221 -17.32 -26.14 -8.19
N THR B 222 -16.73 -27.05 -7.40
CA THR B 222 -15.76 -28.01 -7.92
C THR B 222 -16.53 -29.21 -8.46
N TYR C 1 17.70 33.58 -7.27
CA TYR C 1 17.95 33.37 -5.82
C TYR C 1 17.16 32.16 -5.36
N GLU C 2 17.86 31.06 -5.08
CA GLU C 2 17.21 29.91 -4.47
C GLU C 2 16.73 30.30 -3.08
N PRO C 3 15.41 30.22 -2.78
CA PRO C 3 14.90 30.58 -1.46
C PRO C 3 15.53 29.71 -0.39
N GLU C 4 15.50 30.21 0.84
CA GLU C 4 16.04 29.49 1.98
C GLU C 4 15.24 28.22 2.23
N ALA C 5 13.92 28.31 2.10
CA ALA C 5 13.04 27.15 2.13
C ALA C 5 11.68 27.52 1.51
#